data_9EUA
#
_entry.id   9EUA
#
_cell.length_a   48.952
_cell.length_b   48.952
_cell.length_c   195.947
_cell.angle_alpha   90.000
_cell.angle_beta   90.000
_cell.angle_gamma   120.000
#
_symmetry.space_group_name_H-M   'P 32 2 1'
#
loop_
_entity.id
_entity.type
_entity.pdbx_description
1 polymer 'Peptidyl-prolyl cis-trans isomerase FKBP5'
2 non-polymer '(1-propylpyrazol-4-yl)methyl (2S)-1-[(2S)-2-cyclohexyl-2-(3,4,5-trimethoxyphenyl)ethanoyl]piperidine-2-carboxylate'
3 water water
#
_entity_poly.entity_id   1
_entity_poly.type   'polypeptide(L)'
_entity_poly.pdbx_seq_one_letter_code
;GAPATVTEQGEDITSKKDRGVLKIVKRVGNGEETPMIGDKVYVHYKGKLSNGKKFDSSHDRNEPFVFSLGKGQVIKAWDI
GVATMKKGEIAHLLIKPEYAYGSAGSLPKIPSNATLFFEIELLDFKGE
;
_entity_poly.pdbx_strand_id   A,B
#
loop_
_chem_comp.id
_chem_comp.type
_chem_comp.name
_chem_comp.formula
A1H7D non-polymer '(1-propylpyrazol-4-yl)methyl (2S)-1-[(2S)-2-cyclohexyl-2-(3,4,5-trimethoxyphenyl)ethanoyl]piperidine-2-carboxylate' 'C30 H43 N3 O6'
#
# COMPACT_ATOMS: atom_id res chain seq x y z
N GLY A 1 8.58 15.27 27.60
CA GLY A 1 8.78 14.31 26.50
C GLY A 1 7.68 14.46 25.45
N ALA A 2 8.05 15.00 24.27
CA ALA A 2 7.10 15.25 23.22
C ALA A 2 6.16 14.06 23.09
N PRO A 3 6.66 12.81 23.06
CA PRO A 3 5.79 11.63 22.98
C PRO A 3 4.88 11.46 24.19
N ALA A 4 5.39 11.71 25.40
CA ALA A 4 4.60 11.64 26.61
C ALA A 4 3.51 12.73 26.64
N THR A 5 3.88 13.95 26.24
CA THR A 5 2.94 15.06 26.15
C THR A 5 1.75 14.66 25.27
N VAL A 6 2.01 14.00 24.14
CA VAL A 6 0.98 13.55 23.21
C VAL A 6 0.17 12.42 23.82
N THR A 7 0.88 11.42 24.40
CA THR A 7 0.25 10.31 25.10
C THR A 7 -0.69 10.82 26.20
N GLU A 8 -0.39 11.99 26.79
CA GLU A 8 -1.18 12.52 27.89
C GLU A 8 -2.19 13.59 27.41
N GLN A 9 -1.81 14.47 26.45
CA GLN A 9 -2.60 15.66 26.12
C GLN A 9 -3.09 15.65 24.64
N GLY A 10 -2.98 14.50 23.96
CA GLY A 10 -3.21 14.43 22.52
C GLY A 10 -4.60 13.91 22.20
N GLU A 11 -5.14 14.35 21.05
CA GLU A 11 -6.49 14.02 20.64
C GLU A 11 -6.49 12.68 19.90
N ASP A 12 -7.48 11.84 20.23
CA ASP A 12 -7.64 10.54 19.60
C ASP A 12 -8.39 10.72 18.28
N ILE A 13 -7.68 10.64 17.16
CA ILE A 13 -8.29 10.95 15.88
C ILE A 13 -8.73 9.66 15.17
N THR A 14 -8.67 8.50 15.82
CA THR A 14 -9.19 7.27 15.23
C THR A 14 -10.71 7.34 15.25
N SER A 15 -11.33 6.50 14.39
CA SER A 15 -12.78 6.34 14.33
C SER A 15 -13.25 5.33 15.36
N LYS A 16 -12.51 4.21 15.44
CA LYS A 16 -12.77 3.15 16.40
C LYS A 16 -12.55 3.67 17.82
N LYS A 17 -11.76 4.75 17.93
CA LYS A 17 -11.55 5.45 19.19
C LYS A 17 -10.75 4.55 20.14
N ASP A 18 -9.65 4.01 19.62
CA ASP A 18 -8.82 3.05 20.33
C ASP A 18 -7.48 3.67 20.67
N ARG A 19 -7.41 5.01 20.65
CA ARG A 19 -6.18 5.72 20.97
C ARG A 19 -4.99 5.24 20.11
N GLY A 20 -5.24 4.73 18.91
CA GLY A 20 -4.15 4.16 18.12
C GLY A 20 -3.33 5.21 17.37
N VAL A 21 -3.90 6.41 17.21
CA VAL A 21 -3.24 7.56 16.60
C VAL A 21 -3.69 8.78 17.41
N LEU A 22 -2.70 9.44 18.04
CA LEU A 22 -2.93 10.58 18.90
C LEU A 22 -2.20 11.80 18.33
N LYS A 23 -2.87 12.95 18.41
CA LYS A 23 -2.39 14.14 17.73
C LYS A 23 -2.39 15.32 18.67
N ILE A 24 -1.27 16.07 18.63
CA ILE A 24 -1.24 17.45 19.07
C ILE A 24 -0.71 18.32 17.94
N VAL A 25 -1.35 19.49 17.80
CA VAL A 25 -0.97 20.51 16.83
C VAL A 25 0.11 21.38 17.45
N LYS A 26 1.10 21.82 16.65
CA LYS A 26 2.24 22.56 17.17
C LYS A 26 2.37 23.91 16.49
N ARG A 27 2.03 24.02 15.20
CA ARG A 27 1.89 25.30 14.52
C ARG A 27 0.60 25.30 13.70
N VAL A 28 -0.36 26.18 14.03
CA VAL A 28 -1.64 26.26 13.33
C VAL A 28 -1.37 26.68 11.87
N GLY A 29 -2.10 26.08 10.92
CA GLY A 29 -1.86 26.32 9.51
C GLY A 29 -2.59 27.58 9.00
N ASN A 30 -2.78 27.64 7.67
CA ASN A 30 -3.49 28.72 7.02
C ASN A 30 -4.71 28.15 6.30
N GLY A 31 -5.89 28.74 6.58
CA GLY A 31 -7.13 28.37 5.93
C GLY A 31 -7.93 27.33 6.74
N GLU A 32 -9.02 26.85 6.14
CA GLU A 32 -9.78 25.75 6.70
C GLU A 32 -9.55 24.48 5.87
N GLU A 33 -8.92 24.59 4.69
CA GLU A 33 -8.86 23.51 3.73
C GLU A 33 -7.82 22.49 4.15
N THR A 34 -8.25 21.22 4.31
CA THR A 34 -7.38 20.07 4.55
C THR A 34 -7.62 19.06 3.43
N PRO A 35 -6.63 18.21 3.09
CA PRO A 35 -6.64 17.51 1.82
C PRO A 35 -7.61 16.36 1.72
N MET A 36 -7.89 15.96 0.47
CA MET A 36 -8.82 14.90 0.10
C MET A 36 -8.05 13.66 -0.37
N ILE A 37 -8.67 12.49 -0.21
CA ILE A 37 -8.17 11.23 -0.73
C ILE A 37 -7.81 11.37 -2.20
N GLY A 38 -6.56 11.01 -2.55
CA GLY A 38 -6.10 11.05 -3.93
C GLY A 38 -5.28 12.30 -4.25
N ASP A 39 -5.21 13.24 -3.29
CA ASP A 39 -4.35 14.41 -3.39
C ASP A 39 -2.89 13.98 -3.24
N LYS A 40 -2.03 14.51 -4.14
CA LYS A 40 -0.59 14.50 -3.94
C LYS A 40 -0.30 15.52 -2.83
N VAL A 41 0.42 15.04 -1.80
CA VAL A 41 0.74 15.81 -0.60
C VAL A 41 2.26 15.89 -0.42
N TYR A 42 2.70 17.07 0.05
CA TYR A 42 4.11 17.44 0.23
C TYR A 42 4.37 17.80 1.70
N VAL A 43 5.25 17.02 2.36
CA VAL A 43 5.52 17.20 3.78
C VAL A 43 7.01 17.07 4.07
N HIS A 44 7.45 17.77 5.14
CA HIS A 44 8.68 17.44 5.84
C HIS A 44 8.34 16.77 7.16
N TYR A 45 9.11 15.75 7.54
CA TYR A 45 8.84 15.03 8.78
C TYR A 45 10.14 14.57 9.45
N LYS A 46 10.01 14.32 10.75
CA LYS A 46 11.03 13.63 11.54
C LYS A 46 10.33 12.50 12.28
N GLY A 47 10.96 11.33 12.29
CA GLY A 47 10.33 10.15 12.86
C GLY A 47 11.29 9.32 13.70
N LYS A 48 10.78 8.79 14.82
CA LYS A 48 11.56 7.85 15.56
C LYS A 48 10.66 6.74 16.07
N LEU A 49 11.29 5.61 16.41
CA LEU A 49 10.59 4.52 17.05
C LEU A 49 10.89 4.60 18.54
N SER A 50 9.99 4.02 19.34
CA SER A 50 9.94 4.18 20.78
C SER A 50 11.15 3.57 21.45
N ASN A 51 11.69 2.51 20.84
CA ASN A 51 12.94 1.86 21.27
C ASN A 51 14.07 2.89 21.34
N GLY A 52 13.99 3.97 20.55
CA GLY A 52 15.05 4.98 20.51
C GLY A 52 16.21 4.52 19.64
N LYS A 53 15.98 3.43 18.90
CA LYS A 53 17.03 2.73 18.18
C LYS A 53 17.08 3.23 16.73
N LYS A 54 15.99 3.80 16.18
CA LYS A 54 16.05 4.32 14.82
C LYS A 54 15.38 5.69 14.72
N PHE A 55 15.98 6.58 13.92
CA PHE A 55 15.50 7.92 13.65
C PHE A 55 15.55 8.19 12.14
N ASP A 56 14.47 8.72 11.56
CA ASP A 56 14.48 9.07 10.15
C ASP A 56 13.94 10.48 9.96
N SER A 57 14.48 11.18 8.95
CA SER A 57 13.95 12.46 8.52
C SER A 57 13.96 12.55 7.00
N SER A 58 12.98 13.30 6.48
CA SER A 58 12.99 13.76 5.10
C SER A 58 14.13 14.76 4.92
N HIS A 59 14.31 15.61 5.94
CA HIS A 59 15.38 16.58 6.05
C HIS A 59 16.75 16.00 5.67
N ASP A 60 16.91 14.68 5.69
CA ASP A 60 18.06 14.01 5.07
C ASP A 60 18.01 14.18 3.54
N ARG A 61 17.44 15.31 3.07
CA ARG A 61 17.66 15.89 1.76
C ARG A 61 16.97 17.25 1.76
N ASN A 62 17.01 17.94 0.62
CA ASN A 62 16.14 19.08 0.38
C ASN A 62 14.79 18.57 -0.12
N GLU A 63 14.80 17.45 -0.85
CA GLU A 63 13.60 16.86 -1.40
C GLU A 63 12.59 16.68 -0.27
N PRO A 64 11.35 17.18 -0.42
CA PRO A 64 10.28 16.87 0.55
C PRO A 64 9.73 15.48 0.28
N PHE A 65 8.90 15.00 1.22
CA PHE A 65 8.27 13.69 1.12
C PHE A 65 6.88 13.84 0.51
N VAL A 66 6.64 13.01 -0.50
CA VAL A 66 5.54 13.17 -1.43
C VAL A 66 4.81 11.83 -1.53
N PHE A 67 3.49 11.87 -1.27
CA PHE A 67 2.65 10.70 -1.41
C PHE A 67 1.26 11.13 -1.85
N SER A 68 0.49 10.14 -2.33
CA SER A 68 -0.91 10.33 -2.66
C SER A 68 -1.76 9.91 -1.48
N LEU A 69 -2.52 10.87 -0.93
CA LEU A 69 -3.19 10.68 0.34
C LEU A 69 -4.25 9.60 0.21
N GLY A 70 -4.43 8.83 1.29
CA GLY A 70 -5.55 7.92 1.40
C GLY A 70 -5.43 6.70 0.49
N LYS A 71 -4.29 6.53 -0.20
CA LYS A 71 -4.09 5.43 -1.14
C LYS A 71 -3.29 4.32 -0.47
N GLY A 72 -3.09 4.39 0.83
CA GLY A 72 -2.28 3.39 1.53
C GLY A 72 -0.83 3.29 1.02
N GLN A 73 -0.26 4.40 0.55
CA GLN A 73 1.12 4.38 0.10
C GLN A 73 2.03 4.50 1.32
N VAL A 74 1.42 4.99 2.42
CA VAL A 74 2.07 5.07 3.71
C VAL A 74 1.25 4.31 4.73
N ILE A 75 1.78 4.26 5.95
CA ILE A 75 1.08 3.65 7.06
C ILE A 75 -0.26 4.35 7.27
N LYS A 76 -1.20 3.57 7.79
CA LYS A 76 -2.59 4.00 7.97
C LYS A 76 -2.60 5.30 8.76
N ALA A 77 -1.75 5.37 9.80
CA ALA A 77 -1.64 6.53 10.67
C ALA A 77 -1.44 7.83 9.89
N TRP A 78 -0.67 7.76 8.81
CA TRP A 78 -0.40 8.96 8.04
C TRP A 78 -1.61 9.31 7.18
N ASP A 79 -2.20 8.31 6.53
CA ASP A 79 -3.40 8.53 5.74
C ASP A 79 -4.49 9.15 6.62
N ILE A 80 -4.61 8.69 7.87
CA ILE A 80 -5.51 9.33 8.83
C ILE A 80 -5.00 10.72 9.17
N GLY A 81 -3.76 10.82 9.67
CA GLY A 81 -3.33 11.99 10.41
C GLY A 81 -3.16 13.21 9.53
N VAL A 82 -2.55 13.00 8.37
CA VAL A 82 -2.20 14.10 7.49
C VAL A 82 -3.48 14.67 6.93
N ALA A 83 -4.49 13.82 6.77
CA ALA A 83 -5.76 14.26 6.25
C ALA A 83 -6.42 15.25 7.21
N THR A 84 -6.00 15.31 8.48
CA THR A 84 -6.54 16.28 9.42
C THR A 84 -5.79 17.60 9.39
N MET A 85 -4.68 17.69 8.65
CA MET A 85 -3.78 18.83 8.78
C MET A 85 -4.07 19.85 7.67
N LYS A 86 -3.89 21.15 8.00
CA LYS A 86 -4.12 22.25 7.07
C LYS A 86 -2.76 22.67 6.50
N LYS A 87 -2.77 23.39 5.36
CA LYS A 87 -1.52 23.83 4.72
C LYS A 87 -0.77 24.73 5.70
N GLY A 88 0.50 24.38 5.97
CA GLY A 88 1.34 25.13 6.88
C GLY A 88 1.29 24.63 8.33
N GLU A 89 0.57 23.55 8.57
CA GLU A 89 0.45 23.03 9.93
C GLU A 89 1.69 22.19 10.28
N ILE A 90 2.00 22.12 11.58
CA ILE A 90 2.95 21.15 12.11
C ILE A 90 2.31 20.41 13.27
N ALA A 91 2.48 19.08 13.32
CA ALA A 91 1.79 18.28 14.34
C ALA A 91 2.63 17.09 14.80
N HIS A 92 2.28 16.57 15.97
CA HIS A 92 2.93 15.41 16.55
C HIS A 92 1.93 14.26 16.56
N LEU A 93 2.34 13.09 16.06
CA LEU A 93 1.53 11.89 16.16
C LEU A 93 2.25 10.84 17.01
N LEU A 94 1.47 10.16 17.85
CA LEU A 94 1.92 8.91 18.45
C LEU A 94 0.99 7.77 18.04
N ILE A 95 1.60 6.68 17.61
CA ILE A 95 0.93 5.64 16.82
C ILE A 95 1.16 4.29 17.48
N LYS A 96 0.08 3.61 17.88
CA LYS A 96 0.20 2.22 18.28
C LYS A 96 0.45 1.39 17.01
N PRO A 97 1.10 0.21 17.14
CA PRO A 97 1.61 -0.54 15.99
C PRO A 97 0.58 -1.02 14.98
N GLU A 98 -0.66 -1.15 15.44
CA GLU A 98 -1.76 -1.58 14.60
C GLU A 98 -2.06 -0.52 13.51
N TYR A 99 -1.61 0.74 13.70
CA TYR A 99 -1.77 1.75 12.65
C TYR A 99 -0.42 2.07 11.99
N ALA A 100 0.62 1.29 12.33
CA ALA A 100 1.92 1.42 11.70
C ALA A 100 2.29 0.09 11.01
N TYR A 101 3.10 -0.74 11.67
CA TYR A 101 3.68 -1.93 11.05
C TYR A 101 3.27 -3.23 11.77
N GLY A 102 2.44 -3.12 12.81
CA GLY A 102 1.72 -4.27 13.36
C GLY A 102 2.66 -5.29 13.99
N SER A 103 2.19 -6.54 14.06
CA SER A 103 2.92 -7.56 14.80
C SER A 103 4.08 -8.09 13.97
N ALA A 104 3.93 -8.09 12.64
CA ALA A 104 5.00 -8.56 11.78
C ALA A 104 6.19 -7.61 11.85
N GLY A 105 5.89 -6.33 12.08
CA GLY A 105 6.90 -5.28 12.02
C GLY A 105 7.38 -5.13 10.57
N SER A 106 8.61 -4.65 10.42
CA SER A 106 9.25 -4.58 9.12
C SER A 106 10.76 -4.65 9.32
N LEU A 107 11.24 -5.85 9.59
CA LEU A 107 12.61 -6.06 10.00
C LEU A 107 13.49 -6.06 8.76
N PRO A 108 14.76 -5.61 8.90
CA PRO A 108 15.27 -5.24 10.21
C PRO A 108 15.05 -3.80 10.71
N LYS A 109 14.41 -2.93 9.95
CA LYS A 109 14.30 -1.51 10.37
C LYS A 109 13.35 -1.39 11.57
N ILE A 110 12.11 -1.87 11.40
CA ILE A 110 11.08 -1.75 12.42
C ILE A 110 10.84 -3.11 13.06
N PRO A 111 10.91 -3.22 14.40
CA PRO A 111 10.62 -4.48 15.06
C PRO A 111 9.14 -4.81 15.10
N SER A 112 8.86 -5.98 15.66
CA SER A 112 7.52 -6.46 15.92
C SER A 112 6.86 -5.54 16.95
N ASN A 113 5.60 -5.14 16.70
CA ASN A 113 4.80 -4.42 17.69
C ASN A 113 5.44 -3.11 18.12
N ALA A 114 6.02 -2.36 17.18
CA ALA A 114 6.69 -1.10 17.46
C ALA A 114 5.68 0.03 17.61
N THR A 115 5.99 1.02 18.43
CA THR A 115 5.24 2.26 18.55
C THR A 115 6.05 3.39 17.93
N LEU A 116 5.43 4.29 17.16
CA LEU A 116 6.15 5.33 16.42
C LEU A 116 5.67 6.71 16.86
N PHE A 117 6.58 7.67 16.67
CA PHE A 117 6.32 9.08 16.88
C PHE A 117 6.78 9.84 15.64
N PHE A 118 5.99 10.85 15.25
CA PHE A 118 6.36 11.69 14.12
C PHE A 118 6.07 13.15 14.41
N GLU A 119 6.98 14.00 13.94
CA GLU A 119 6.71 15.41 13.78
C GLU A 119 6.49 15.63 12.28
N ILE A 120 5.39 16.28 11.93
CA ILE A 120 5.06 16.43 10.53
C ILE A 120 4.75 17.88 10.25
N GLU A 121 5.33 18.41 9.16
CA GLU A 121 4.94 19.69 8.58
C GLU A 121 4.27 19.44 7.23
N LEU A 122 3.10 20.07 7.05
CA LEU A 122 2.38 19.96 5.80
C LEU A 122 2.64 21.21 4.98
N LEU A 123 3.27 21.01 3.82
CA LEU A 123 3.71 22.10 2.98
C LEU A 123 2.56 22.49 2.05
N ASP A 124 2.01 21.52 1.31
CA ASP A 124 0.93 21.82 0.37
C ASP A 124 0.35 20.54 -0.22
N PHE A 125 -0.83 20.66 -0.85
CA PHE A 125 -1.47 19.57 -1.57
C PHE A 125 -2.17 20.06 -2.83
N LYS A 126 -2.33 19.15 -3.79
CA LYS A 126 -2.86 19.47 -5.12
C LYS A 126 -3.56 18.21 -5.68
N GLY A 127 -4.64 18.45 -6.44
CA GLY A 127 -5.43 17.36 -6.98
C GLY A 127 -4.74 16.71 -8.18
N GLU A 128 -4.55 15.38 -8.11
CA GLU A 128 -3.73 14.65 -9.06
C GLU A 128 -4.38 14.75 -10.46
N GLY B 1 5.35 -26.64 -4.51
CA GLY B 1 4.89 -25.37 -3.93
C GLY B 1 4.63 -24.33 -5.02
N ALA B 2 3.34 -24.09 -5.32
CA ALA B 2 2.97 -23.20 -6.40
C ALA B 2 3.84 -21.94 -6.37
N PRO B 3 4.06 -21.30 -5.20
CA PRO B 3 4.97 -20.14 -5.11
C PRO B 3 6.41 -20.43 -5.50
N ALA B 4 6.94 -21.58 -5.05
CA ALA B 4 8.29 -22.01 -5.39
C ALA B 4 8.41 -22.33 -6.88
N THR B 5 7.40 -23.03 -7.44
CA THR B 5 7.36 -23.35 -8.86
C THR B 5 7.54 -22.07 -9.68
N VAL B 6 6.85 -21.00 -9.28
CA VAL B 6 6.89 -19.73 -10.00
C VAL B 6 8.23 -19.03 -9.79
N THR B 7 8.71 -19.02 -8.53
CA THR B 7 10.02 -18.45 -8.19
C THR B 7 11.12 -19.16 -8.97
N GLU B 8 10.91 -20.44 -9.31
CA GLU B 8 11.93 -21.23 -9.99
C GLU B 8 11.68 -21.29 -11.49
N GLN B 9 10.41 -21.39 -11.96
CA GLN B 9 10.09 -21.70 -13.35
C GLN B 9 9.36 -20.57 -14.07
N GLY B 10 9.28 -19.39 -13.46
CA GLY B 10 8.43 -18.30 -13.97
C GLY B 10 9.18 -17.31 -14.86
N GLU B 11 8.46 -16.70 -15.80
CA GLU B 11 9.01 -15.69 -16.69
C GLU B 11 8.92 -14.31 -16.04
N ASP B 12 9.99 -13.52 -16.18
CA ASP B 12 10.04 -12.18 -15.63
C ASP B 12 9.39 -11.21 -16.60
N ILE B 13 8.18 -10.74 -16.29
CA ILE B 13 7.43 -9.92 -17.23
C ILE B 13 7.56 -8.44 -16.89
N THR B 14 8.46 -8.05 -15.97
CA THR B 14 8.73 -6.64 -15.72
C THR B 14 9.50 -6.05 -16.91
N SER B 15 9.50 -4.73 -17.04
CA SER B 15 10.30 -4.02 -18.03
C SER B 15 11.72 -3.80 -17.54
N LYS B 16 11.82 -3.38 -16.27
CA LYS B 16 13.09 -3.12 -15.60
C LYS B 16 13.84 -4.43 -15.46
N LYS B 17 13.11 -5.54 -15.51
CA LYS B 17 13.70 -6.88 -15.46
C LYS B 17 14.31 -7.11 -14.08
N ASP B 18 13.51 -6.85 -13.05
CA ASP B 18 13.94 -6.97 -11.66
C ASP B 18 13.25 -8.16 -10.99
N ARG B 19 12.67 -9.06 -11.77
CA ARG B 19 11.98 -10.23 -11.26
C ARG B 19 10.93 -9.87 -10.20
N GLY B 20 10.35 -8.69 -10.29
CA GLY B 20 9.34 -8.29 -9.32
C GLY B 20 7.96 -8.88 -9.60
N VAL B 21 7.74 -9.35 -10.84
CA VAL B 21 6.52 -10.07 -11.22
C VAL B 21 6.94 -11.24 -12.11
N LEU B 22 6.65 -12.45 -11.63
CA LEU B 22 7.00 -13.70 -12.31
C LEU B 22 5.74 -14.48 -12.65
N LYS B 23 5.76 -15.06 -13.86
CA LYS B 23 4.54 -15.60 -14.44
C LYS B 23 4.81 -16.99 -15.00
N ILE B 24 3.85 -17.89 -14.74
CA ILE B 24 3.68 -19.11 -15.50
C ILE B 24 2.23 -19.19 -15.93
N VAL B 25 2.01 -19.67 -17.16
CA VAL B 25 0.67 -19.93 -17.68
C VAL B 25 0.28 -21.36 -17.29
N LYS B 26 -1.02 -21.56 -16.98
CA LYS B 26 -1.46 -22.83 -16.42
C LYS B 26 -2.59 -23.47 -17.23
N ARG B 27 -3.47 -22.66 -17.83
CA ARG B 27 -4.39 -23.13 -18.85
C ARG B 27 -4.30 -22.15 -20.02
N VAL B 28 -3.77 -22.64 -21.16
CA VAL B 28 -3.35 -21.78 -22.26
C VAL B 28 -4.58 -21.00 -22.74
N GLY B 29 -4.37 -19.77 -23.22
CA GLY B 29 -5.47 -18.89 -23.61
C GLY B 29 -6.07 -19.24 -24.97
N ASN B 30 -7.25 -18.68 -25.26
CA ASN B 30 -7.90 -18.82 -26.55
C ASN B 30 -8.03 -17.43 -27.18
N GLY B 31 -7.64 -17.32 -28.46
CA GLY B 31 -7.50 -16.04 -29.15
C GLY B 31 -6.04 -15.62 -29.17
N GLU B 32 -5.73 -14.60 -29.99
CA GLU B 32 -4.42 -13.96 -29.96
C GLU B 32 -4.51 -12.61 -29.24
N GLU B 33 -5.73 -12.06 -29.08
CA GLU B 33 -5.94 -10.76 -28.47
C GLU B 33 -5.79 -10.86 -26.95
N THR B 34 -4.95 -9.96 -26.41
CA THR B 34 -4.88 -9.66 -24.98
C THR B 34 -5.24 -8.20 -24.77
N PRO B 35 -5.75 -7.82 -23.57
CA PRO B 35 -6.45 -6.54 -23.41
C PRO B 35 -5.55 -5.30 -23.42
N MET B 36 -6.20 -4.15 -23.67
CA MET B 36 -5.58 -2.84 -23.76
C MET B 36 -5.88 -2.01 -22.52
N ILE B 37 -4.97 -1.09 -22.17
CA ILE B 37 -5.18 -0.10 -21.12
C ILE B 37 -6.53 0.57 -21.31
N GLY B 38 -7.36 0.57 -20.27
CA GLY B 38 -8.67 1.22 -20.30
C GLY B 38 -9.81 0.23 -20.49
N ASP B 39 -9.48 -1.03 -20.78
CA ASP B 39 -10.47 -2.10 -20.93
C ASP B 39 -11.05 -2.46 -19.57
N LYS B 40 -12.39 -2.63 -19.51
CA LYS B 40 -13.05 -3.28 -18.38
C LYS B 40 -12.75 -4.77 -18.49
N VAL B 41 -12.25 -5.33 -17.38
CA VAL B 41 -11.77 -6.72 -17.32
C VAL B 41 -12.52 -7.47 -16.23
N TYR B 42 -12.82 -8.74 -16.55
CA TYR B 42 -13.56 -9.67 -15.70
C TYR B 42 -12.66 -10.88 -15.40
N VAL B 43 -12.36 -11.08 -14.10
CA VAL B 43 -11.44 -12.13 -13.69
C VAL B 43 -11.96 -12.84 -12.44
N HIS B 44 -11.63 -14.13 -12.32
CA HIS B 44 -11.63 -14.82 -11.05
C HIS B 44 -10.19 -15.01 -10.58
N TYR B 45 -9.96 -14.87 -9.27
CA TYR B 45 -8.62 -15.01 -8.72
C TYR B 45 -8.65 -15.66 -7.33
N LYS B 46 -7.50 -16.25 -6.98
CA LYS B 46 -7.26 -16.79 -5.65
C LYS B 46 -5.89 -16.31 -5.24
N GLY B 47 -5.76 -15.83 -4.01
CA GLY B 47 -4.60 -15.03 -3.64
C GLY B 47 -4.10 -15.35 -2.24
N LYS B 48 -2.77 -15.45 -2.12
CA LYS B 48 -2.13 -15.86 -0.88
C LYS B 48 -0.98 -14.89 -0.63
N LEU B 49 -0.44 -14.97 0.60
CA LEU B 49 0.90 -14.50 0.85
C LEU B 49 1.81 -15.71 0.70
N SER B 50 3.10 -15.47 0.48
CA SER B 50 4.08 -16.54 0.52
C SER B 50 4.02 -17.24 1.88
N ASN B 51 3.79 -16.44 2.94
CA ASN B 51 3.67 -16.91 4.31
C ASN B 51 2.56 -17.95 4.46
N GLY B 52 1.53 -17.87 3.61
CA GLY B 52 0.38 -18.76 3.67
C GLY B 52 -0.55 -18.39 4.83
N LYS B 53 -0.43 -17.15 5.32
CA LYS B 53 -1.06 -16.71 6.56
C LYS B 53 -2.45 -16.11 6.30
N LYS B 54 -2.69 -15.56 5.10
CA LYS B 54 -4.03 -15.19 4.65
C LYS B 54 -4.19 -15.58 3.19
N PHE B 55 -5.44 -15.87 2.84
CA PHE B 55 -5.83 -16.45 1.57
C PHE B 55 -7.17 -15.86 1.20
N ASP B 56 -7.23 -15.17 0.05
CA ASP B 56 -8.43 -14.49 -0.40
C ASP B 56 -8.81 -14.97 -1.79
N SER B 57 -10.12 -14.97 -2.07
CA SER B 57 -10.64 -15.29 -3.38
C SER B 57 -11.84 -14.41 -3.75
N SER B 58 -12.04 -14.21 -5.05
CA SER B 58 -13.27 -13.63 -5.57
C SER B 58 -14.40 -14.63 -5.40
N HIS B 59 -14.14 -15.86 -5.88
CA HIS B 59 -15.16 -16.91 -6.00
C HIS B 59 -15.95 -16.99 -4.69
N ASP B 60 -15.23 -16.85 -3.55
CA ASP B 60 -15.82 -16.81 -2.22
C ASP B 60 -16.45 -15.43 -1.97
N ARG B 61 -17.31 -15.04 -2.92
CA ARG B 61 -18.06 -13.79 -2.89
C ARG B 61 -19.09 -13.85 -4.03
N ASN B 62 -19.76 -12.72 -4.27
CA ASN B 62 -21.01 -12.71 -5.01
C ASN B 62 -20.76 -12.80 -6.52
N GLU B 63 -19.63 -12.25 -6.96
CA GLU B 63 -19.44 -11.99 -8.39
C GLU B 63 -18.02 -12.35 -8.83
N PRO B 64 -17.71 -12.20 -10.14
CA PRO B 64 -16.33 -12.08 -10.59
C PRO B 64 -15.80 -10.68 -10.25
N PHE B 65 -14.48 -10.51 -10.38
CA PHE B 65 -13.83 -9.25 -10.08
C PHE B 65 -13.67 -8.43 -11.35
N VAL B 66 -14.09 -7.16 -11.25
CA VAL B 66 -14.20 -6.25 -12.37
C VAL B 66 -13.38 -4.99 -12.10
N PHE B 67 -12.41 -4.72 -13.00
CA PHE B 67 -11.61 -3.51 -12.93
C PHE B 67 -11.31 -3.00 -14.34
N SER B 68 -10.87 -1.74 -14.41
CA SER B 68 -10.44 -1.09 -15.64
C SER B 68 -8.93 -1.20 -15.72
N LEU B 69 -8.44 -1.88 -16.76
CA LEU B 69 -7.03 -2.24 -16.85
C LEU B 69 -6.17 -0.98 -16.97
N GLY B 70 -4.99 -1.04 -16.34
CA GLY B 70 -3.96 -0.03 -16.52
C GLY B 70 -4.31 1.32 -15.89
N LYS B 71 -5.40 1.38 -15.12
CA LYS B 71 -5.85 2.65 -14.55
C LYS B 71 -5.35 2.76 -13.11
N GLY B 72 -4.58 1.76 -12.65
CA GLY B 72 -4.12 1.76 -11.27
C GLY B 72 -5.30 1.73 -10.30
N GLN B 73 -6.19 0.75 -10.44
CA GLN B 73 -7.19 0.56 -9.41
C GLN B 73 -6.96 -0.81 -8.76
N VAL B 74 -5.88 -1.47 -9.18
CA VAL B 74 -5.33 -2.64 -8.51
C VAL B 74 -3.84 -2.42 -8.37
N ILE B 75 -3.18 -3.37 -7.72
CA ILE B 75 -1.73 -3.35 -7.61
C ILE B 75 -1.11 -3.40 -9.00
N LYS B 76 0.07 -2.79 -9.09
CA LYS B 76 0.84 -2.63 -10.31
C LYS B 76 0.96 -3.97 -11.01
N ALA B 77 1.23 -5.03 -10.24
CA ALA B 77 1.45 -6.37 -10.73
C ALA B 77 0.27 -6.85 -11.57
N TRP B 78 -0.94 -6.47 -11.17
CA TRP B 78 -2.11 -6.90 -11.90
C TRP B 78 -2.24 -6.13 -13.20
N ASP B 79 -2.07 -4.80 -13.14
CA ASP B 79 -2.10 -3.97 -14.32
C ASP B 79 -1.08 -4.49 -15.34
N ILE B 80 0.11 -4.87 -14.87
CA ILE B 80 1.09 -5.48 -15.74
C ILE B 80 0.59 -6.86 -16.19
N GLY B 81 0.31 -7.76 -15.24
CA GLY B 81 0.28 -9.18 -15.52
C GLY B 81 -0.93 -9.59 -16.36
N VAL B 82 -2.08 -9.02 -16.02
CA VAL B 82 -3.34 -9.35 -16.70
C VAL B 82 -3.22 -8.94 -18.17
N ALA B 83 -2.52 -7.83 -18.41
CA ALA B 83 -2.35 -7.34 -19.76
C ALA B 83 -1.63 -8.38 -20.63
N THR B 84 -0.92 -9.33 -20.03
CA THR B 84 -0.22 -10.34 -20.82
C THR B 84 -1.10 -11.56 -21.09
N MET B 85 -2.29 -11.64 -20.49
CA MET B 85 -3.10 -12.85 -20.55
C MET B 85 -4.12 -12.75 -21.69
N LYS B 86 -4.43 -13.90 -22.31
CA LYS B 86 -5.46 -14.00 -23.35
C LYS B 86 -6.79 -14.40 -22.70
N LYS B 87 -7.90 -14.17 -23.41
CA LYS B 87 -9.23 -14.52 -22.90
C LYS B 87 -9.26 -16.03 -22.67
N GLY B 88 -9.63 -16.44 -21.44
CA GLY B 88 -9.70 -17.84 -21.06
C GLY B 88 -8.41 -18.37 -20.44
N GLU B 89 -7.38 -17.52 -20.30
CA GLU B 89 -6.10 -17.94 -19.77
C GLU B 89 -6.18 -18.01 -18.24
N ILE B 90 -5.36 -18.92 -17.68
CA ILE B 90 -5.16 -18.97 -16.25
C ILE B 90 -3.68 -18.97 -15.95
N ALA B 91 -3.24 -18.13 -15.01
CA ALA B 91 -1.82 -17.94 -14.79
C ALA B 91 -1.47 -17.78 -13.31
N HIS B 92 -0.20 -18.05 -12.98
CA HIS B 92 0.30 -17.94 -11.64
C HIS B 92 1.28 -16.77 -11.61
N LEU B 93 1.07 -15.83 -10.68
CA LEU B 93 1.98 -14.71 -10.52
C LEU B 93 2.60 -14.72 -9.11
N LEU B 94 3.91 -14.44 -9.06
CA LEU B 94 4.57 -14.15 -7.82
C LEU B 94 5.19 -12.75 -7.87
N ILE B 95 4.94 -11.97 -6.81
CA ILE B 95 5.08 -10.52 -6.83
C ILE B 95 5.98 -10.08 -5.68
N LYS B 96 7.08 -9.41 -5.96
CA LYS B 96 7.87 -8.74 -4.94
C LYS B 96 7.04 -7.52 -4.49
N PRO B 97 7.26 -6.99 -3.27
CA PRO B 97 6.36 -5.99 -2.67
C PRO B 97 6.30 -4.64 -3.35
N GLU B 98 7.34 -4.33 -4.11
CA GLU B 98 7.41 -3.10 -4.89
C GLU B 98 6.34 -3.09 -5.99
N TYR B 99 5.80 -4.27 -6.38
CA TYR B 99 4.72 -4.30 -7.36
C TYR B 99 3.39 -4.68 -6.68
N ALA B 100 3.40 -4.76 -5.35
CA ALA B 100 2.19 -5.01 -4.59
C ALA B 100 1.94 -3.84 -3.63
N TYR B 101 2.26 -4.01 -2.33
CA TYR B 101 1.85 -3.07 -1.29
C TYR B 101 3.04 -2.43 -0.57
N GLY B 102 4.26 -2.80 -0.98
CA GLY B 102 5.43 -2.02 -0.64
C GLY B 102 5.72 -2.06 0.84
N SER B 103 6.42 -1.03 1.35
CA SER B 103 6.92 -1.08 2.71
C SER B 103 5.80 -0.76 3.70
N ALA B 104 4.82 0.05 3.30
CA ALA B 104 3.72 0.38 4.18
C ALA B 104 2.87 -0.85 4.45
N GLY B 105 2.83 -1.74 3.45
CA GLY B 105 1.93 -2.88 3.48
C GLY B 105 0.48 -2.40 3.42
N SER B 106 -0.43 -3.21 3.95
CA SER B 106 -1.83 -2.83 3.99
C SER B 106 -2.53 -3.61 5.09
N LEU B 107 -2.36 -3.09 6.31
CA LEU B 107 -2.85 -3.73 7.52
C LEU B 107 -4.35 -3.56 7.63
N PRO B 108 -5.04 -4.55 8.24
CA PRO B 108 -4.34 -5.71 8.79
C PRO B 108 -4.05 -6.89 7.87
N LYS B 109 -4.52 -6.84 6.61
CA LYS B 109 -4.47 -8.05 5.79
C LYS B 109 -3.02 -8.31 5.38
N ILE B 110 -2.38 -7.30 4.78
CA ILE B 110 -1.05 -7.44 4.20
C ILE B 110 -0.03 -6.78 5.12
N PRO B 111 1.05 -7.49 5.50
CA PRO B 111 2.16 -6.86 6.21
C PRO B 111 3.07 -6.00 5.32
N SER B 112 4.07 -5.40 5.97
CA SER B 112 5.07 -4.61 5.29
C SER B 112 5.93 -5.56 4.48
N ASN B 113 6.28 -5.15 3.27
CA ASN B 113 7.26 -5.84 2.45
C ASN B 113 6.85 -7.28 2.13
N ALA B 114 5.57 -7.48 1.85
CA ALA B 114 5.04 -8.82 1.62
C ALA B 114 5.33 -9.27 0.18
N THR B 115 5.56 -10.59 0.02
CA THR B 115 5.49 -11.21 -1.29
C THR B 115 4.13 -11.91 -1.46
N LEU B 116 3.51 -11.71 -2.63
CA LEU B 116 2.16 -12.17 -2.89
C LEU B 116 2.18 -13.20 -4.02
N PHE B 117 1.23 -14.14 -3.94
CA PHE B 117 1.01 -15.14 -4.97
C PHE B 117 -0.46 -15.14 -5.37
N PHE B 118 -0.71 -15.23 -6.68
CA PHE B 118 -2.07 -15.32 -7.18
C PHE B 118 -2.21 -16.38 -8.28
N GLU B 119 -3.37 -17.04 -8.25
CA GLU B 119 -3.91 -17.71 -9.41
C GLU B 119 -4.95 -16.80 -10.04
N ILE B 120 -4.83 -16.55 -11.35
CA ILE B 120 -5.76 -15.64 -12.00
C ILE B 120 -6.33 -16.31 -13.24
N GLU B 121 -7.66 -16.20 -13.39
CA GLU B 121 -8.35 -16.55 -14.62
C GLU B 121 -8.90 -15.27 -15.26
N LEU B 122 -8.64 -15.12 -16.56
CA LEU B 122 -9.17 -13.99 -17.31
C LEU B 122 -10.38 -14.46 -18.11
N LEU B 123 -11.53 -13.88 -17.76
CA LEU B 123 -12.81 -14.33 -18.30
C LEU B 123 -13.09 -13.61 -19.61
N ASP B 124 -13.03 -12.26 -19.58
CA ASP B 124 -13.29 -11.49 -20.79
C ASP B 124 -12.97 -10.01 -20.55
N PHE B 125 -12.81 -9.28 -21.65
CA PHE B 125 -12.59 -7.85 -21.62
C PHE B 125 -13.34 -7.16 -22.76
N LYS B 126 -13.68 -5.89 -22.50
CA LYS B 126 -14.50 -5.09 -23.40
C LYS B 126 -14.04 -3.64 -23.32
N GLY B 127 -14.08 -2.96 -24.45
CA GLY B 127 -13.62 -1.58 -24.54
C GLY B 127 -14.63 -0.63 -23.92
N GLU B 128 -14.14 0.19 -22.97
CA GLU B 128 -14.92 1.27 -22.36
C GLU B 128 -15.55 2.17 -23.44
CBG A1H7D C . 5.50 7.02 -1.49
CBF A1H7D C . 6.20 6.98 -0.15
CBE A1H7D C . 6.30 5.52 0.07
NBC A1H7D C . 7.02 5.22 1.33
CBD A1H7D C . 6.41 4.56 2.37
NBB A1H7D C . 8.31 5.42 1.65
CBA A1H7D C . 8.50 4.90 2.90
CAZ A1H7D C . 7.32 4.40 3.33
CAY A1H7D C . 7.11 3.68 4.67
OAX A1H7D C . 7.14 4.65 5.67
C A1H7D C . 5.99 5.11 6.16
O A1H7D C . 4.91 4.87 5.63
CA A1H7D C . 6.10 5.99 7.26
CB A1H7D C . 5.31 7.26 6.99
CAS A1H7D C . 5.97 7.98 5.79
CAT A1H7D C . 7.32 8.40 6.24
CAU A1H7D C . 8.20 7.22 6.48
N A1H7D C . 7.56 6.25 7.42
CAH A1H7D C . 8.22 5.54 8.33
OAP A1H7D C . 7.64 4.75 9.04
CAG A1H7D C . 9.71 5.67 8.44
CAJ A1H7D C . 10.23 5.05 9.77
CAK A1H7D C . 9.75 5.92 10.99
CAL A1H7D C . 10.38 5.26 12.25
CAM A1H7D C . 11.86 5.51 12.24
CAN A1H7D C . 12.54 4.66 11.11
CAO A1H7D C . 11.77 4.80 9.76
CAF A1H7D C . 10.31 4.95 7.36
CAE A1H7D C . 11.27 5.54 6.53
CAA A1H7D C . 10.00 3.62 7.15
CAB A1H7D C . 10.62 2.93 6.11
OBJ A1H7D C . 10.37 1.63 5.78
CBK A1H7D C . 9.36 0.97 6.56
CAC A1H7D C . 11.56 3.53 5.30
OBH A1H7D C . 12.18 2.82 4.25
CBI A1H7D C . 11.47 3.09 3.05
CAD A1H7D C . 11.90 4.86 5.51
OBL A1H7D C . 12.84 5.37 4.69
CBM A1H7D C . 12.66 6.74 4.41
HCC A1H7D C . 5.35 8.05 -1.79
HBG A1H7D C . 4.54 6.51 -1.43
HCB A1H7D C . 6.12 6.52 -2.25
HCA A1H7D C . 7.23 7.24 -0.11
HBF A1H7D C . 5.59 7.21 0.68
HB9 A1H7D C . 5.35 5.14 0.29
HBE A1H7D C . 6.77 4.92 -0.64
HBD A1H7D C . 5.38 4.22 2.42
HBA A1H7D C . 9.42 4.93 3.46
HAY A1H7D C . 7.98 3.17 4.94
HB8 A1H7D C . 6.20 3.18 4.81
HA A1H7D C . 5.69 5.50 8.14
HB2 A1H7D C . 5.40 7.98 7.74
HB1 A1H7D C . 4.34 7.13 6.62
HB4 A1H7D C . 6.05 7.32 4.92
HB3 A1H7D C . 5.39 8.86 5.52
HB6 A1H7D C . 7.78 9.01 5.46
HB5 A1H7D C . 7.25 8.99 7.15
HB7 A1H7D C . 8.37 6.66 5.64
HAU A1H7D C . 9.07 7.52 6.95
HAG A1H7D C . 10.02 6.71 8.42
HAJ A1H7D C . 9.77 4.07 9.89
HAL A1H7D C . 8.70 5.66 11.26
HAK A1H7D C . 10.09 6.91 11.10
HAN A1H7D C . 9.94 5.71 13.15
HAM A1H7D C . 10.19 4.20 12.24
HAP A1H7D C . 12.07 6.57 12.07
HAO A1H7D C . 12.28 5.22 13.21
HAR A1H7D C . 13.57 5.01 10.97
HAQ A1H7D C . 12.56 3.61 11.41
HAS A1H7D C . 12.34 4.73 8.83
HAT A1H7D C . 11.92 5.87 9.79
HAE A1H7D C . 11.54 6.57 6.73
HAA A1H7D C . 9.25 3.14 7.77
HCG A1H7D C . 9.31 -0.08 6.25
HBK A1H7D C . 8.41 1.44 6.39
HCF A1H7D C . 9.62 1.00 7.63
HBI A1H7D C . 11.92 2.52 2.23
HCD A1H7D C . 11.52 4.15 2.80
HCE A1H7D C . 10.42 2.80 3.17
HCI A1H7D C . 13.20 7.01 3.50
HBM A1H7D C . 13.04 7.35 5.24
HCH A1H7D C . 11.60 6.96 4.24
CBG A1H7D D . -12.77 -2.85 -8.10
CBF A1H7D D . -11.53 -2.63 -7.24
CBE A1H7D D . -11.85 -3.28 -5.87
NBC A1H7D D . -10.58 -3.85 -5.12
CBD A1H7D D . -9.31 -3.43 -5.18
NBB A1H7D D . -10.59 -4.91 -4.21
CBA A1H7D D . -9.33 -5.10 -3.77
CAZ A1H7D D . -8.57 -4.19 -4.36
CAY A1H7D D . -7.06 -3.99 -4.17
OAX A1H7D D . -6.45 -5.28 -3.98
C A1H7D D . -5.67 -5.65 -5.03
O A1H7D D . -5.36 -4.86 -5.92
CA A1H7D D . -5.26 -7.00 -5.15
CB A1H7D D . -5.41 -7.24 -6.61
CAS A1H7D D . -6.84 -7.70 -6.91
CAT A1H7D D . -7.24 -8.81 -5.99
CAU A1H7D D . -7.38 -8.31 -4.63
N A1H7D D . -5.99 -7.96 -4.22
CAH A1H7D D . -5.38 -8.42 -3.08
OAP A1H7D D . -4.22 -8.09 -2.79
CAG A1H7D D . -6.15 -9.31 -2.07
CAJ A1H7D D . -5.12 -10.04 -1.13
CAK A1H7D D . -4.40 -11.17 -1.85
CAL A1H7D D . -3.07 -11.51 -1.12
CAM A1H7D D . -3.43 -12.28 0.18
CAN A1H7D D . -4.47 -11.49 1.04
CAO A1H7D D . -5.64 -10.75 0.22
CAF A1H7D D . -7.01 -8.43 -1.41
CAE A1H7D D . -8.40 -8.53 -1.57
CAA A1H7D D . -6.49 -7.42 -0.60
CAB A1H7D D . -7.37 -6.54 0.05
OBJ A1H7D D . -6.93 -5.53 0.86
CBK A1H7D D . -5.74 -4.88 0.40
CAC A1H7D D . -8.75 -6.66 -0.12
OBH A1H7D D . -9.60 -5.80 0.54
CBI A1H7D D . -10.46 -4.98 -0.27
CAD A1H7D D . -9.28 -7.65 -0.91
OBL A1H7D D . -10.64 -7.66 -1.04
CBM A1H7D D . -11.29 -8.94 -0.91
HCC A1H7D D . -12.63 -2.34 -9.06
HBG A1H7D D . -13.64 -2.45 -7.59
HCB A1H7D D . -12.90 -3.93 -8.27
HCA A1H7D D . -10.67 -3.15 -7.54
HBF A1H7D D . -11.37 -1.64 -6.94
HB9 A1H7D D . -12.16 -2.59 -5.17
HBE A1H7D D . -12.43 -4.12 -5.94
HBD A1H7D D . -8.93 -2.60 -5.79
HBA A1H7D D . -9.02 -5.86 -3.06
HAY A1H7D D . -6.73 -3.47 -3.33
HB8 A1H7D D . -6.62 -3.63 -5.04
HA A1H7D D . -4.19 -7.03 -4.93
HB2 A1H7D D . -4.64 -7.81 -7.03
HB1 A1H7D D . -5.47 -6.38 -7.15
HB4 A1H7D D . -7.53 -6.87 -6.76
HB3 A1H7D D . -6.91 -8.01 -7.92
HB6 A1H7D D . -8.20 -9.21 -6.33
HB5 A1H7D D . -6.49 -9.61 -6.03
HB7 A1H7D D . -7.88 -7.41 -4.53
HAU A1H7D D . -7.76 -9.09 -4.01
HAG A1H7D D . -6.71 -10.07 -2.61
HAJ A1H7D D . -4.36 -9.32 -0.81
HAL A1H7D D . -4.47 -11.34 -2.86
HAK A1H7D D . -4.89 -12.02 -1.56
HAN A1H7D D . -2.43 -12.13 -1.76
HAM A1H7D D . -2.54 -10.59 -0.86
HAP A1H7D D . -3.85 -13.26 -0.06
HAO A1H7D D . -2.53 -12.42 0.77
HAR A1H7D D . -4.93 -12.17 1.74
HAQ A1H7D D . -3.94 -10.73 1.61
HAS A1H7D D . -6.70 -10.76 0.52
HAT A1H7D D . -5.83 -11.69 -0.29
HAE A1H7D D . -8.82 -9.28 -2.20
HAA A1H7D D . -5.42 -7.33 -0.47
HCG A1H7D D . -4.86 -5.49 0.64
HBK A1H7D D . -5.65 -3.91 0.88
HCF A1H7D D . -5.79 -4.73 -0.69
HBI A1H7D D . -11.49 -5.33 -0.18
HCD A1H7D D . -10.16 -5.00 -1.30
HCE A1H7D D . -10.41 -3.96 0.10
HCI A1H7D D . -11.08 -9.52 -1.80
HBM A1H7D D . -12.36 -8.79 -0.80
HCH A1H7D D . -10.90 -9.47 -0.03
#